data_1TFT
#
_entry.id   1TFT
#
loop_
_entity.id
_entity.type
_entity.pdbx_description
1 polymer 'Baculoviral IAP repeat-containing protein 4'
2 non-polymer 'ZINC ION'
3 non-polymer '1-[3,3-DIMETHYL-2-(2-METHYLAMINO-PROPIONYLAMINO)-BUTYRYL]-4-PHENOXY-PYRROLIDINE-2-CARBOXYLIC ACID(1,2,3,4-TETRAHYDRO-NAPHTHALEN-1-YL)-AMIDE'
#
_entity_poly.entity_id   1
_entity_poly.type   'polypeptide(L)'
_entity_poly.pdbx_seq_one_letter_code
;MSDAVSSDRNFPNSTNLPRNPSMADYEARIFTFGTWIYSVNKEQLARAGFYALGEGDKVKCFHCGGGLTDWKPSEDPWEQ
HAKWYPGCKYLLEQKGQEYINNIHLTHSLEECLVRTT
;
_entity_poly.pdbx_strand_id   A
#
# COMPACT_ATOMS: atom_id res chain seq x y z
N MET A 1 23.35 -19.99 -15.98
CA MET A 1 23.64 -19.94 -14.53
C MET A 1 23.13 -18.65 -13.89
N SER A 2 22.04 -18.77 -13.12
CA SER A 2 21.45 -17.61 -12.47
C SER A 2 22.35 -17.11 -11.33
N ASP A 3 22.88 -15.90 -11.48
CA ASP A 3 23.75 -15.32 -10.48
C ASP A 3 22.98 -15.07 -9.17
N ALA A 4 21.88 -14.33 -9.27
CA ALA A 4 21.06 -14.03 -8.11
C ALA A 4 21.84 -13.23 -7.07
N VAL A 5 21.90 -11.91 -7.26
CA VAL A 5 22.61 -11.02 -6.35
C VAL A 5 21.65 -10.29 -5.41
N SER A 6 20.71 -11.04 -4.84
CA SER A 6 19.74 -10.47 -3.91
C SER A 6 18.92 -11.56 -3.24
N SER A 7 18.14 -12.29 -4.03
CA SER A 7 17.31 -13.38 -3.51
C SER A 7 18.07 -14.70 -3.55
N ASP A 8 18.57 -15.12 -2.39
CA ASP A 8 19.31 -16.38 -2.30
C ASP A 8 19.44 -16.83 -0.85
N ARG A 9 20.02 -15.96 -0.02
CA ARG A 9 20.20 -16.26 1.39
C ARG A 9 20.00 -15.02 2.25
N ASN A 10 20.00 -15.20 3.56
CA ASN A 10 19.82 -14.09 4.50
C ASN A 10 21.13 -13.32 4.67
N PHE A 11 21.06 -12.23 5.44
CA PHE A 11 22.23 -11.39 5.69
C PHE A 11 22.85 -10.89 4.39
N PRO A 12 22.18 -9.95 3.71
CA PRO A 12 22.67 -9.39 2.45
C PRO A 12 24.08 -8.82 2.57
N ASN A 13 24.29 -8.00 3.58
CA ASN A 13 25.59 -7.39 3.82
C ASN A 13 25.75 -6.96 5.27
N SER A 14 24.96 -5.96 5.68
CA SER A 14 25.00 -5.46 7.04
C SER A 14 23.97 -4.37 7.25
N THR A 15 24.11 -3.27 6.52
CA THR A 15 23.18 -2.15 6.62
C THR A 15 21.76 -2.57 6.26
N ASN A 16 21.64 -3.38 5.20
CA ASN A 16 20.34 -3.86 4.75
C ASN A 16 19.63 -4.64 5.86
N LEU A 17 18.71 -3.96 6.55
CA LEU A 17 17.95 -4.59 7.63
C LEU A 17 16.79 -5.42 7.08
N PRO A 18 16.27 -6.38 7.86
CA PRO A 18 15.16 -7.23 7.42
C PRO A 18 13.95 -6.41 7.00
N ARG A 19 13.40 -5.63 7.92
CA ARG A 19 12.23 -4.81 7.63
C ARG A 19 11.95 -3.84 8.78
N ASN A 20 11.66 -4.39 9.96
CA ASN A 20 11.38 -3.57 11.13
C ASN A 20 10.19 -2.64 10.88
N PRO A 21 8.96 -3.18 10.88
CA PRO A 21 7.74 -2.40 10.65
C PRO A 21 7.64 -1.20 11.60
N SER A 22 7.64 -1.48 12.90
CA SER A 22 7.54 -0.43 13.91
C SER A 22 8.92 0.16 14.20
N MET A 23 9.51 0.80 13.20
CA MET A 23 10.82 1.42 13.30
C MET A 23 11.06 2.33 12.10
N ALA A 24 10.83 1.79 10.91
CA ALA A 24 11.00 2.54 9.69
C ALA A 24 9.87 2.24 8.68
N ASP A 25 8.67 1.93 9.17
CA ASP A 25 7.53 1.65 8.30
C ASP A 25 6.26 2.32 8.82
N TYR A 26 5.83 1.93 10.01
CA TYR A 26 4.62 2.49 10.60
C TYR A 26 4.81 3.96 10.96
N GLU A 27 5.79 4.24 11.80
CA GLU A 27 6.09 5.59 12.23
C GLU A 27 6.75 6.40 11.13
N ALA A 28 7.55 5.75 10.29
CA ALA A 28 8.22 6.46 9.22
C ALA A 28 7.23 6.98 8.17
N ARG A 29 6.36 6.10 7.69
CA ARG A 29 5.37 6.48 6.70
C ARG A 29 4.48 7.59 7.23
N ILE A 30 3.85 7.32 8.37
CA ILE A 30 2.97 8.27 9.03
C ILE A 30 3.67 9.61 9.24
N PHE A 31 4.94 9.56 9.65
CA PHE A 31 5.72 10.76 9.86
C PHE A 31 5.76 11.59 8.59
N THR A 32 5.70 10.94 7.42
CA THR A 32 5.69 11.67 6.18
C THR A 32 4.31 12.26 5.91
N PHE A 33 3.24 11.57 6.36
CA PHE A 33 1.90 12.10 6.16
C PHE A 33 1.63 13.26 7.11
N GLY A 34 1.73 12.96 8.40
CA GLY A 34 1.51 13.96 9.43
C GLY A 34 0.40 13.57 10.39
N THR A 35 0.30 14.29 11.51
CA THR A 35 -0.74 14.03 12.50
C THR A 35 -2.15 14.07 11.87
N TRP A 36 -2.29 14.87 10.80
CA TRP A 36 -3.55 15.02 10.08
C TRP A 36 -4.12 13.65 9.69
N ILE A 37 -5.42 13.60 9.42
CA ILE A 37 -6.10 12.35 9.07
C ILE A 37 -7.32 12.67 8.20
N TYR A 38 -7.98 11.64 7.66
CA TYR A 38 -9.13 11.85 6.79
C TYR A 38 -10.10 10.67 6.84
N SER A 39 -9.58 9.46 6.66
CA SER A 39 -10.41 8.26 6.66
C SER A 39 -9.78 7.16 7.54
N VAL A 40 -8.78 6.46 7.02
CA VAL A 40 -8.11 5.40 7.77
C VAL A 40 -6.74 5.87 8.21
N ASN A 41 -6.08 5.09 9.05
CA ASN A 41 -4.76 5.45 9.49
C ASN A 41 -3.82 5.49 8.29
N LYS A 42 -3.16 6.64 8.10
CA LYS A 42 -2.24 6.81 6.97
C LYS A 42 -1.25 5.66 6.87
N GLU A 43 -0.88 5.09 8.02
CA GLU A 43 0.03 3.94 8.06
C GLU A 43 -0.54 2.79 7.25
N GLN A 44 -1.84 2.51 7.43
CA GLN A 44 -2.50 1.44 6.69
C GLN A 44 -2.37 1.69 5.20
N LEU A 45 -2.64 2.93 4.80
CA LEU A 45 -2.53 3.31 3.40
C LEU A 45 -1.09 3.07 2.89
N ALA A 46 -0.12 3.44 3.72
CA ALA A 46 1.28 3.26 3.37
C ALA A 46 1.65 1.78 3.24
N ARG A 47 1.10 0.94 4.11
CA ARG A 47 1.37 -0.49 4.11
C ARG A 47 1.06 -1.08 2.74
N ALA A 48 -0.05 -0.67 2.15
CA ALA A 48 -0.44 -1.14 0.84
C ALA A 48 0.63 -0.80 -0.20
N GLY A 49 1.19 0.40 -0.08
CA GLY A 49 2.23 0.84 -1.00
C GLY A 49 2.14 2.32 -1.30
N PHE A 50 2.07 3.13 -0.24
CA PHE A 50 1.97 4.58 -0.39
C PHE A 50 2.98 5.30 0.51
N TYR A 51 3.36 6.51 0.09
CA TYR A 51 4.33 7.31 0.85
C TYR A 51 4.13 8.80 0.58
N ALA A 52 4.00 9.60 1.64
CA ALA A 52 3.79 11.03 1.47
C ALA A 52 5.07 11.72 1.03
N LEU A 53 4.93 12.80 0.26
CA LEU A 53 6.08 13.55 -0.25
C LEU A 53 6.33 14.83 0.56
N GLY A 54 6.10 14.77 1.86
CA GLY A 54 6.30 15.94 2.71
C GLY A 54 5.02 16.73 2.92
N GLU A 55 4.38 17.12 1.84
CA GLU A 55 3.13 17.88 1.91
C GLU A 55 1.99 16.99 2.36
N GLY A 56 1.11 17.54 3.18
CA GLY A 56 -0.03 16.79 3.68
C GLY A 56 -0.99 16.39 2.57
N ASP A 57 -1.41 15.12 2.59
CA ASP A 57 -2.34 14.52 1.61
C ASP A 57 -1.63 14.06 0.33
N LYS A 58 -0.80 14.91 -0.27
CA LYS A 58 -0.09 14.54 -1.50
C LYS A 58 0.75 13.28 -1.27
N VAL A 59 0.23 12.14 -1.73
CA VAL A 59 0.91 10.86 -1.57
C VAL A 59 0.91 10.09 -2.88
N LYS A 60 2.01 9.39 -3.16
CA LYS A 60 2.13 8.61 -4.40
C LYS A 60 2.48 7.15 -4.13
N CYS A 61 2.16 6.29 -5.09
CA CYS A 61 2.41 4.86 -4.99
C CYS A 61 3.89 4.54 -5.21
N PHE A 62 4.33 3.41 -4.66
CA PHE A 62 5.73 3.00 -4.81
C PHE A 62 5.92 2.07 -6.01
N HIS A 63 6.90 2.40 -6.85
CA HIS A 63 7.23 1.62 -8.04
C HIS A 63 6.17 1.74 -9.14
N CYS A 64 4.97 1.22 -8.88
CA CYS A 64 3.87 1.26 -9.85
C CYS A 64 3.57 2.69 -10.33
N GLY A 65 3.81 3.68 -9.46
CA GLY A 65 3.56 5.05 -9.84
C GLY A 65 2.12 5.49 -9.59
N GLY A 66 1.71 6.58 -10.23
CA GLY A 66 0.36 7.08 -10.05
C GLY A 66 0.21 7.82 -8.73
N GLY A 67 -0.09 9.11 -8.82
CA GLY A 67 -0.25 9.91 -7.63
C GLY A 67 -1.70 9.96 -7.15
N LEU A 68 -1.88 10.01 -5.84
CA LEU A 68 -3.22 10.06 -5.24
C LEU A 68 -3.34 11.25 -4.30
N THR A 69 -4.47 11.95 -4.40
CA THR A 69 -4.72 13.12 -3.57
C THR A 69 -6.22 13.32 -3.35
N ASP A 70 -6.57 14.09 -2.33
CA ASP A 70 -7.99 14.33 -2.02
C ASP A 70 -8.71 13.02 -1.75
N TRP A 71 -8.26 12.29 -0.73
CA TRP A 71 -8.85 11.02 -0.38
C TRP A 71 -10.33 11.15 -0.02
N LYS A 72 -11.01 10.01 0.04
CA LYS A 72 -12.43 9.97 0.37
C LYS A 72 -12.61 9.69 1.87
N PRO A 73 -13.68 10.20 2.51
CA PRO A 73 -13.92 9.99 3.95
C PRO A 73 -13.86 8.52 4.37
N SER A 74 -14.23 7.61 3.47
CA SER A 74 -14.20 6.18 3.78
C SER A 74 -13.76 5.38 2.55
N GLU A 75 -12.47 5.04 2.51
CA GLU A 75 -11.93 4.27 1.39
C GLU A 75 -10.66 3.52 1.78
N ASP A 76 -10.39 2.43 1.07
CA ASP A 76 -9.20 1.62 1.33
C ASP A 76 -8.15 1.82 0.23
N PRO A 77 -6.87 1.55 0.53
CA PRO A 77 -5.78 1.71 -0.44
C PRO A 77 -5.80 0.62 -1.52
N TRP A 78 -6.12 -0.61 -1.11
CA TRP A 78 -6.17 -1.74 -2.02
C TRP A 78 -7.11 -1.48 -3.18
N GLU A 79 -8.32 -1.03 -2.87
CA GLU A 79 -9.33 -0.75 -3.89
C GLU A 79 -8.97 0.48 -4.72
N GLN A 80 -8.45 1.52 -4.07
CA GLN A 80 -8.09 2.75 -4.76
C GLN A 80 -7.01 2.52 -5.82
N HIS A 81 -5.83 2.09 -5.39
CA HIS A 81 -4.71 1.86 -6.30
C HIS A 81 -5.09 0.84 -7.37
N ALA A 82 -5.61 -0.31 -6.95
CA ALA A 82 -5.99 -1.36 -7.88
C ALA A 82 -6.98 -0.89 -8.96
N LYS A 83 -7.82 0.08 -8.62
CA LYS A 83 -8.80 0.60 -9.56
C LYS A 83 -8.20 1.59 -10.55
N TRP A 84 -7.46 2.57 -10.04
CA TRP A 84 -6.85 3.59 -10.89
C TRP A 84 -5.73 3.02 -11.76
N TYR A 85 -4.84 2.24 -11.16
CA TYR A 85 -3.73 1.65 -11.88
C TYR A 85 -3.20 0.39 -11.17
N PRO A 86 -3.81 -0.78 -11.42
CA PRO A 86 -3.39 -2.04 -10.79
C PRO A 86 -2.07 -2.55 -11.35
N GLY A 87 -0.96 -2.08 -10.81
CA GLY A 87 0.34 -2.53 -11.28
C GLY A 87 1.41 -2.53 -10.19
N CYS A 88 1.02 -2.81 -8.94
CA CYS A 88 1.97 -2.86 -7.84
C CYS A 88 2.58 -4.26 -7.71
N LYS A 89 3.82 -4.32 -7.25
CA LYS A 89 4.51 -5.59 -7.11
C LYS A 89 3.86 -6.49 -6.05
N TYR A 90 3.95 -6.07 -4.79
CA TYR A 90 3.39 -6.84 -3.68
C TYR A 90 1.86 -6.89 -3.74
N LEU A 91 1.23 -5.79 -4.10
CA LEU A 91 -0.23 -5.71 -4.16
C LEU A 91 -0.80 -6.77 -5.10
N LEU A 92 -0.25 -6.88 -6.31
CA LEU A 92 -0.73 -7.84 -7.28
C LEU A 92 -0.51 -9.27 -6.79
N GLU A 93 0.74 -9.57 -6.46
CA GLU A 93 1.14 -10.90 -5.99
C GLU A 93 0.41 -11.31 -4.70
N GLN A 94 -0.01 -10.33 -3.88
CA GLN A 94 -0.70 -10.62 -2.62
C GLN A 94 -1.92 -11.50 -2.83
N LYS A 95 -2.94 -10.95 -3.49
CA LYS A 95 -4.17 -11.70 -3.76
C LYS A 95 -4.28 -12.13 -5.23
N GLY A 96 -3.14 -12.31 -5.89
CA GLY A 96 -3.11 -12.74 -7.28
C GLY A 96 -3.85 -11.81 -8.24
N GLN A 97 -3.58 -12.01 -9.53
CA GLN A 97 -4.22 -11.22 -10.57
C GLN A 97 -5.75 -11.34 -10.50
N GLU A 98 -6.24 -12.50 -10.04
CA GLU A 98 -7.67 -12.73 -9.93
C GLU A 98 -8.34 -11.69 -9.05
N TYR A 99 -7.79 -11.46 -7.85
CA TYR A 99 -8.37 -10.48 -6.94
C TYR A 99 -8.29 -9.08 -7.51
N ILE A 100 -7.12 -8.73 -8.07
CA ILE A 100 -6.93 -7.40 -8.65
C ILE A 100 -7.94 -7.12 -9.76
N ASN A 101 -8.19 -8.13 -10.60
CA ASN A 101 -9.14 -7.99 -11.70
C ASN A 101 -10.56 -7.84 -11.17
N ASN A 102 -10.91 -8.65 -10.18
CA ASN A 102 -12.24 -8.61 -9.59
C ASN A 102 -12.54 -7.22 -9.02
N ILE A 103 -11.55 -6.66 -8.33
CA ILE A 103 -11.70 -5.33 -7.74
C ILE A 103 -11.98 -4.28 -8.81
N HIS A 104 -11.25 -4.36 -9.92
CA HIS A 104 -11.42 -3.42 -11.02
C HIS A 104 -12.51 -3.90 -11.97
N LEU A 105 -13.74 -3.94 -11.48
CA LEU A 105 -14.88 -4.37 -12.28
C LEU A 105 -16.20 -4.04 -11.58
N THR A 106 -16.30 -4.41 -10.32
CA THR A 106 -17.49 -4.15 -9.53
C THR A 106 -17.16 -3.80 -8.09
N HIS A 107 -18.15 -3.35 -7.34
CA HIS A 107 -17.95 -2.98 -5.94
C HIS A 107 -17.42 -4.15 -5.14
N SER A 108 -16.58 -3.86 -4.15
CA SER A 108 -15.99 -4.89 -3.30
C SER A 108 -16.04 -4.47 -1.83
N LEU A 109 -15.59 -5.36 -0.95
CA LEU A 109 -15.57 -5.11 0.49
C LEU A 109 -16.98 -4.83 1.03
N GLU A 110 -17.07 -4.66 2.34
CA GLU A 110 -18.35 -4.39 2.99
C GLU A 110 -19.32 -5.55 2.75
N GLU A 111 -19.10 -6.64 3.48
CA GLU A 111 -19.96 -7.82 3.36
C GLU A 111 -20.27 -8.42 4.73
N CYS A 112 -21.40 -9.10 4.83
CA CYS A 112 -21.81 -9.71 6.09
C CYS A 112 -21.97 -8.66 7.18
N LEU A 113 -23.11 -7.99 7.19
CA LEU A 113 -23.38 -6.95 8.18
C LEU A 113 -24.84 -7.01 8.64
N VAL A 114 -25.21 -8.15 9.23
CA VAL A 114 -26.57 -8.37 9.74
C VAL A 114 -27.58 -8.55 8.60
N ARG A 115 -27.82 -7.49 7.83
CA ARG A 115 -28.76 -7.56 6.72
C ARG A 115 -28.68 -6.30 5.86
N THR A 116 -27.46 -5.92 5.50
CA THR A 116 -27.21 -4.74 4.68
C THR A 116 -27.87 -3.49 5.26
N THR A 117 -27.82 -3.36 6.60
CA THR A 117 -28.40 -2.21 7.29
C THR A 117 -29.88 -2.07 6.96
#